data_1RGQ
#
_entry.id   1RGQ
#
_cell.length_a   226.385
_cell.length_b   226.385
_cell.length_c   76.864
_cell.angle_alpha   90.0
_cell.angle_beta   90.0
_cell.angle_gamma   120.0
#
_symmetry.space_group_name_H-M   'H 3 2'
#
loop_
_entity.id
_entity.type
_entity.pdbx_description
1 polymer 'NS3 Protease'
2 polymer 'NS4A peptide'
3 non-polymer 'ZINC ION'
4 non-polymer N-(PYRAZIN-2-YLCARBONYL)LEUCYLISOLEUCYL-N~1~-{1-[2-({1-CARBOXY-2-[4-(PHOSPHONOOXY)PHENYL]ETHYL}AMINO)-1,1-DIHYDROXY-2-OXOETHYL]BUT-3-ENYL}-3-CYCLOHEXYLALANINAMIDE
#
loop_
_entity_poly.entity_id
_entity_poly.type
_entity_poly.pdbx_seq_one_letter_code
_entity_poly.pdbx_strand_id
1 'polypeptide(L)'
;MASMTGGQQMGAPITAYAQQTRGLLGCIITSLTGRDKNQVEGEVQIVSTATQTFLATCINGVCWTVYHGAGTRTIASPKG
PVIQMYTNVDQDLVGWPAPQGSRSLTPCTCGSSDLYLVTRHADVIPVRRRGDSRGSLLSPRPISYLKGSSGGPLLCPAGH
AVGLFRAAVCTRGVTKAVDFIPVENLETTMRSGSHHHHHH
;
A,B
2 'polypeptide(L)' KGSVVIVGRIVLSGKPAIIPKK C,D
#
loop_
_chem_comp.id
_chem_comp.type
_chem_comp.name
_chem_comp.formula
AKP non-polymer N-(PYRAZIN-2-YLCARBONYL)LEUCYLISOLEUCYL-N~1~-{1-[2-({1-CARBOXY-2-[4-(PHOSPHONOOXY)PHENYL]ETHYL}AMINO)-1,1-DIHYDROXY-2-OXOETHYL]BUT-3-ENYL}-3-CYCLOHEXYLALANINAMIDE 'C41 H60 N7 O13 P'
ZN non-polymer 'ZINC ION' 'Zn 2'
#
# COMPACT_ATOMS: atom_id res chain seq x y z
N GLN A 39 -12.82 -13.07 -4.31
CA GLN A 39 -12.18 -11.72 -4.38
C GLN A 39 -12.26 -10.96 -3.06
N VAL A 40 -11.30 -10.04 -2.88
CA VAL A 40 -11.11 -9.16 -1.71
C VAL A 40 -10.89 -9.84 -0.37
N GLU A 41 -9.63 -9.79 0.05
CA GLU A 41 -9.17 -10.37 1.30
C GLU A 41 -8.77 -9.27 2.28
N GLY A 42 -9.13 -9.45 3.56
CA GLY A 42 -8.80 -8.48 4.59
C GLY A 42 -7.57 -8.84 5.40
N GLU A 43 -6.84 -7.83 5.87
CA GLU A 43 -5.64 -8.03 6.67
C GLU A 43 -6.01 -8.13 8.16
N VAL A 44 -7.07 -7.41 8.51
CA VAL A 44 -7.58 -7.35 9.87
C VAL A 44 -8.94 -8.01 10.01
N GLN A 45 -9.03 -8.89 11.00
CA GLN A 45 -10.25 -9.61 11.32
C GLN A 45 -10.85 -9.03 12.59
N ILE A 46 -12.18 -8.91 12.61
CA ILE A 46 -12.91 -8.44 13.78
C ILE A 46 -13.34 -9.74 14.49
N VAL A 47 -12.67 -10.04 15.60
CA VAL A 47 -12.95 -11.25 16.37
C VAL A 47 -13.82 -11.08 17.62
N SER A 48 -14.50 -12.17 18.01
CA SER A 48 -15.40 -12.16 19.15
C SER A 48 -15.47 -13.47 19.94
N THR A 49 -15.52 -13.35 21.28
CA THR A 49 -15.67 -14.51 22.19
C THR A 49 -17.09 -14.39 22.77
N ALA A 50 -17.43 -15.23 23.76
CA ALA A 50 -18.76 -15.19 24.39
C ALA A 50 -18.92 -13.92 25.24
N THR A 51 -17.78 -13.46 25.77
CA THR A 51 -17.70 -12.27 26.63
C THR A 51 -17.49 -10.96 25.84
N GLN A 52 -16.24 -10.66 25.54
CA GLN A 52 -15.81 -9.44 24.84
C GLN A 52 -15.64 -9.59 23.32
N THR A 53 -15.28 -8.46 22.68
CA THR A 53 -15.02 -8.37 21.24
C THR A 53 -13.81 -7.49 20.99
N PHE A 54 -12.85 -8.03 20.25
CA PHE A 54 -11.60 -7.36 19.93
C PHE A 54 -11.23 -7.56 18.45
N LEU A 55 -9.94 -7.40 18.13
CA LEU A 55 -9.42 -7.51 16.76
C LEU A 55 -8.29 -8.54 16.61
N ALA A 56 -7.98 -8.89 15.36
CA ALA A 56 -6.91 -9.84 15.03
C ALA A 56 -6.25 -9.46 13.70
N THR A 57 -4.91 -9.42 13.69
CA THR A 57 -4.12 -9.03 12.51
C THR A 57 -3.20 -10.11 11.93
N CYS A 58 -3.29 -10.30 10.61
CA CYS A 58 -2.47 -11.29 9.91
C CYS A 58 -1.13 -10.72 9.43
N ILE A 59 -0.05 -11.26 9.99
CA ILE A 59 1.32 -10.88 9.66
C ILE A 59 2.07 -12.20 9.43
N ASN A 60 2.68 -12.33 8.25
CA ASN A 60 3.45 -13.50 7.81
C ASN A 60 2.74 -14.87 7.91
N GLY A 61 1.57 -14.96 7.29
CA GLY A 61 0.80 -16.19 7.28
C GLY A 61 0.16 -16.69 8.58
N VAL A 62 0.19 -15.85 9.62
CA VAL A 62 -0.39 -16.21 10.91
C VAL A 62 -1.21 -15.04 11.51
N CYS A 63 -2.41 -15.38 11.99
CA CYS A 63 -3.36 -14.43 12.60
C CYS A 63 -3.04 -14.22 14.07
N TRP A 64 -2.60 -13.01 14.40
CA TRP A 64 -2.20 -12.66 15.76
C TRP A 64 -3.20 -11.80 16.50
N THR A 65 -3.23 -11.98 17.83
CA THR A 65 -4.08 -11.19 18.71
C THR A 65 -3.55 -11.22 20.15
N VAL A 66 -4.23 -10.52 21.05
CA VAL A 66 -3.84 -10.44 22.46
C VAL A 66 -4.36 -11.61 23.30
N TYR A 67 -3.51 -12.07 24.24
CA TYR A 67 -3.85 -13.18 25.13
C TYR A 67 -4.99 -12.79 26.07
N HIS A 68 -5.08 -11.53 26.45
CA HIS A 68 -6.13 -11.09 27.36
C HIS A 68 -7.55 -11.12 26.79
N GLY A 69 -7.66 -11.45 25.50
CA GLY A 69 -8.95 -11.53 24.85
C GLY A 69 -9.32 -12.95 24.49
N ALA A 70 -8.37 -13.68 23.91
CA ALA A 70 -8.57 -15.07 23.49
C ALA A 70 -8.14 -16.12 24.52
N GLY A 71 -6.97 -15.92 25.11
CA GLY A 71 -6.45 -16.84 26.10
C GLY A 71 -5.83 -18.04 25.41
N THR A 72 -6.31 -19.24 25.76
CA THR A 72 -5.82 -20.48 25.16
C THR A 72 -6.84 -21.05 24.18
N ARG A 73 -7.81 -20.22 23.81
CA ARG A 73 -8.89 -20.58 22.88
C ARG A 73 -8.50 -20.96 21.45
N THR A 74 -9.47 -21.53 20.74
CA THR A 74 -9.29 -21.96 19.36
C THR A 74 -10.10 -21.06 18.44
N ILE A 75 -9.76 -21.00 17.15
CA ILE A 75 -10.58 -20.23 16.19
C ILE A 75 -11.50 -21.19 15.46
N ALA A 76 -12.67 -20.68 15.11
CA ALA A 76 -13.68 -21.43 14.38
C ALA A 76 -13.37 -21.38 12.88
N SER A 77 -13.54 -22.52 12.23
CA SER A 77 -13.35 -22.65 10.79
C SER A 77 -14.40 -23.67 10.37
N PRO A 78 -14.83 -23.70 9.09
CA PRO A 78 -15.86 -24.67 8.68
C PRO A 78 -15.47 -26.15 8.77
N LYS A 79 -14.18 -26.42 8.99
CA LYS A 79 -13.67 -27.79 9.10
C LYS A 79 -13.42 -28.21 10.56
N GLY A 80 -13.72 -27.30 11.49
CA GLY A 80 -13.56 -27.54 12.92
C GLY A 80 -12.70 -26.51 13.66
N PRO A 81 -12.53 -26.63 15.00
CA PRO A 81 -11.73 -25.70 15.83
C PRO A 81 -10.24 -25.87 15.53
N VAL A 82 -9.53 -24.75 15.38
CA VAL A 82 -8.10 -24.80 15.08
C VAL A 82 -7.26 -24.34 16.27
N ILE A 83 -6.33 -25.21 16.67
CA ILE A 83 -5.41 -24.99 17.81
C ILE A 83 -4.43 -23.87 17.49
N GLN A 84 -3.99 -23.18 18.54
CA GLN A 84 -3.02 -22.08 18.44
C GLN A 84 -1.67 -22.64 18.01
N MET A 85 -0.98 -21.91 17.13
CA MET A 85 0.34 -22.29 16.64
C MET A 85 1.38 -21.77 17.64
N TYR A 86 1.09 -20.60 18.21
CA TYR A 86 1.96 -19.93 19.18
C TYR A 86 1.11 -19.37 20.34
N THR A 87 1.68 -19.42 21.55
CA THR A 87 1.05 -18.90 22.76
C THR A 87 2.17 -18.41 23.67
N ASN A 88 2.35 -17.08 23.73
CA ASN A 88 3.37 -16.46 24.56
C ASN A 88 2.62 -15.57 25.56
N VAL A 89 2.37 -16.14 26.74
CA VAL A 89 1.65 -15.49 27.84
C VAL A 89 2.33 -14.22 28.41
N ASP A 90 3.66 -14.17 28.30
CA ASP A 90 4.43 -13.02 28.80
C ASP A 90 4.36 -11.76 27.95
N GLN A 91 4.40 -11.92 26.63
CA GLN A 91 4.34 -10.78 25.72
C GLN A 91 2.89 -10.45 25.29
N ASP A 92 1.92 -11.12 25.93
CA ASP A 92 0.46 -10.99 25.69
C ASP A 92 0.08 -11.35 24.24
N LEU A 93 0.77 -12.39 23.73
CA LEU A 93 0.63 -12.85 22.36
C LEU A 93 0.02 -14.24 22.16
N VAL A 94 -0.81 -14.33 21.12
CA VAL A 94 -1.49 -15.57 20.72
C VAL A 94 -1.47 -15.61 19.18
N GLY A 95 -1.36 -16.81 18.61
CA GLY A 95 -1.33 -16.93 17.16
C GLY A 95 -1.85 -18.24 16.61
N TRP A 96 -2.67 -18.15 15.56
CA TRP A 96 -3.26 -19.30 14.87
C TRP A 96 -2.93 -19.14 13.37
N PRO A 97 -3.03 -20.22 12.55
CA PRO A 97 -2.73 -20.02 11.11
C PRO A 97 -3.80 -19.13 10.47
N ALA A 98 -3.39 -18.28 9.53
CA ALA A 98 -4.30 -17.34 8.85
C ALA A 98 -5.55 -17.99 8.26
N PRO A 99 -6.76 -17.48 8.59
CA PRO A 99 -8.02 -18.03 8.09
C PRO A 99 -8.31 -17.72 6.62
N GLN A 100 -9.47 -18.16 6.14
CA GLN A 100 -9.90 -17.92 4.76
C GLN A 100 -10.46 -16.51 4.66
N GLY A 101 -10.21 -15.86 3.52
CA GLY A 101 -10.68 -14.49 3.31
C GLY A 101 -9.74 -13.49 3.95
N SER A 102 -8.48 -13.91 4.10
CA SER A 102 -7.43 -13.09 4.71
C SER A 102 -6.15 -13.01 3.87
N ARG A 103 -5.38 -11.95 4.13
CA ARG A 103 -4.08 -11.69 3.49
C ARG A 103 -3.16 -11.06 4.54
N SER A 104 -1.87 -11.36 4.45
CA SER A 104 -0.89 -10.86 5.40
C SER A 104 -0.21 -9.53 5.15
N LEU A 105 0.08 -8.85 6.26
CA LEU A 105 0.80 -7.58 6.30
C LEU A 105 2.28 -7.89 6.42
N THR A 106 3.09 -7.16 5.69
CA THR A 106 4.54 -7.36 5.76
C THR A 106 5.12 -6.48 6.89
N PRO A 107 6.06 -7.01 7.72
CA PRO A 107 6.64 -6.20 8.80
C PRO A 107 7.45 -4.98 8.33
N CYS A 108 7.44 -3.92 9.15
CA CYS A 108 8.15 -2.66 8.83
C CYS A 108 9.65 -2.82 8.82
N THR A 109 10.25 -2.18 7.83
CA THR A 109 11.69 -2.20 7.67
C THR A 109 12.27 -0.80 7.54
N CYS A 110 11.43 0.23 7.66
CA CYS A 110 11.86 1.63 7.56
C CYS A 110 12.22 2.36 8.85
N GLY A 111 11.86 1.78 10.00
CA GLY A 111 12.15 2.38 11.30
C GLY A 111 11.53 3.75 11.59
N SER A 112 10.40 4.05 10.96
CA SER A 112 9.73 5.32 11.13
C SER A 112 9.06 5.41 12.49
N SER A 113 8.93 6.64 12.98
CA SER A 113 8.30 6.92 14.27
C SER A 113 6.90 7.51 14.12
N ASP A 114 6.48 7.72 12.87
CA ASP A 114 5.15 8.26 12.56
C ASP A 114 4.24 7.05 12.31
N LEU A 115 3.62 6.57 13.38
CA LEU A 115 2.74 5.40 13.31
C LEU A 115 1.26 5.77 13.13
N TYR A 116 0.45 4.80 12.68
CA TYR A 116 -0.99 5.01 12.45
C TYR A 116 -1.81 3.80 12.94
N LEU A 117 -2.70 4.05 13.89
CA LEU A 117 -3.55 3.01 14.47
C LEU A 117 -4.89 2.87 13.74
N VAL A 118 -5.27 1.62 13.45
CA VAL A 118 -6.53 1.31 12.77
C VAL A 118 -7.50 0.72 13.81
N THR A 119 -8.68 1.33 13.93
CA THR A 119 -9.69 0.88 14.89
C THR A 119 -10.66 -0.17 14.34
N ARG A 120 -11.58 -0.61 15.19
CA ARG A 120 -12.58 -1.60 14.83
C ARG A 120 -13.68 -1.02 13.92
N HIS A 121 -13.72 0.30 13.87
CA HIS A 121 -14.67 1.07 13.05
C HIS A 121 -14.03 1.49 11.72
N ALA A 122 -12.75 1.16 11.56
CA ALA A 122 -11.91 1.45 10.40
C ALA A 122 -11.38 2.89 10.31
N ASP A 123 -11.28 3.54 11.49
CA ASP A 123 -10.75 4.90 11.58
C ASP A 123 -9.24 4.79 11.75
N VAL A 124 -8.52 5.79 11.25
CA VAL A 124 -7.07 5.85 11.34
C VAL A 124 -6.68 6.99 12.30
N ILE A 125 -5.91 6.66 13.33
CA ILE A 125 -5.45 7.63 14.33
C ILE A 125 -3.93 7.82 14.21
N PRO A 126 -3.45 9.07 14.01
CA PRO A 126 -1.99 9.33 13.93
C PRO A 126 -1.36 9.18 15.32
N VAL A 127 -0.28 8.40 15.40
CA VAL A 127 0.44 8.11 16.65
C VAL A 127 1.96 8.37 16.53
N ARG A 128 2.57 8.98 17.55
CA ARG A 128 4.02 9.22 17.55
C ARG A 128 4.67 8.22 18.49
N ARG A 129 5.72 7.55 18.01
CA ARG A 129 6.46 6.55 18.79
C ARG A 129 7.39 7.17 19.84
N ARG A 130 7.10 6.85 21.09
CA ARG A 130 7.84 7.35 22.24
C ARG A 130 8.57 6.21 22.99
N GLY A 131 9.06 5.22 22.24
CA GLY A 131 9.75 4.09 22.84
C GLY A 131 9.66 2.80 22.06
N ASP A 132 10.10 1.70 22.69
CA ASP A 132 10.12 0.36 22.08
C ASP A 132 8.72 -0.24 21.91
N SER A 133 7.86 0.00 22.90
CA SER A 133 6.49 -0.49 22.90
C SER A 133 5.49 0.58 23.35
N ARG A 134 5.88 1.85 23.21
CA ARG A 134 5.03 2.99 23.59
C ARG A 134 4.88 4.06 22.51
N GLY A 135 3.66 4.58 22.41
CA GLY A 135 3.35 5.61 21.44
C GLY A 135 2.29 6.57 21.93
N SER A 136 2.40 7.84 21.53
CA SER A 136 1.45 8.87 21.93
C SER A 136 0.55 9.37 20.79
N LEU A 137 -0.71 9.68 21.13
CA LEU A 137 -1.69 10.20 20.16
C LEU A 137 -1.47 11.68 19.91
N LEU A 138 -1.65 12.11 18.66
CA LEU A 138 -1.51 13.51 18.28
C LEU A 138 -2.79 14.28 18.61
N SER A 139 -3.88 13.55 18.80
CA SER A 139 -5.18 14.12 19.15
C SER A 139 -5.78 13.19 20.22
N PRO A 140 -5.75 13.62 21.50
CA PRO A 140 -6.29 12.79 22.61
C PRO A 140 -7.81 12.51 22.53
N ARG A 141 -8.15 11.24 22.36
CA ARG A 141 -9.54 10.79 22.21
C ARG A 141 -10.12 10.10 23.44
N PRO A 142 -11.48 10.08 23.60
CA PRO A 142 -12.09 9.41 24.76
C PRO A 142 -11.87 7.88 24.68
N ILE A 143 -11.90 7.21 25.83
CA ILE A 143 -11.66 5.76 25.95
C ILE A 143 -12.55 4.85 25.09
N SER A 144 -13.83 5.21 24.94
CA SER A 144 -14.82 4.45 24.15
C SER A 144 -14.34 4.22 22.70
N TYR A 145 -13.75 5.27 22.14
CA TYR A 145 -13.23 5.28 20.77
C TYR A 145 -12.22 4.17 20.48
N LEU A 146 -11.45 3.80 21.50
CA LEU A 146 -10.45 2.75 21.39
C LEU A 146 -10.92 1.37 21.88
N LYS A 147 -12.05 1.33 22.59
CA LYS A 147 -12.60 0.06 23.13
C LYS A 147 -12.96 -0.96 22.04
N GLY A 148 -12.36 -2.14 22.15
CA GLY A 148 -12.59 -3.21 21.20
C GLY A 148 -11.69 -3.16 19.97
N SER A 149 -10.68 -2.30 20.00
CA SER A 149 -9.75 -2.17 18.90
C SER A 149 -8.42 -2.84 19.19
N SER A 150 -8.38 -3.63 20.25
CA SER A 150 -7.18 -4.35 20.68
C SER A 150 -6.90 -5.58 19.82
N GLY A 151 -5.63 -5.73 19.44
CA GLY A 151 -5.25 -6.83 18.57
C GLY A 151 -5.15 -6.29 17.15
N GLY A 152 -5.47 -5.00 17.00
CA GLY A 152 -5.41 -4.28 15.73
C GLY A 152 -3.99 -3.87 15.37
N PRO A 153 -3.74 -3.38 14.14
CA PRO A 153 -2.39 -2.99 13.76
C PRO A 153 -2.00 -1.51 13.94
N LEU A 154 -0.69 -1.28 14.01
CA LEU A 154 -0.11 0.05 14.07
C LEU A 154 0.82 0.07 12.86
N LEU A 155 0.44 0.85 11.85
CA LEU A 155 1.18 0.93 10.58
C LEU A 155 2.15 2.12 10.47
N CYS A 156 3.17 1.97 9.62
CA CYS A 156 4.15 3.03 9.33
C CYS A 156 3.65 3.71 8.03
N PRO A 157 4.31 4.81 7.54
CA PRO A 157 3.82 5.45 6.31
C PRO A 157 3.71 4.58 5.04
N ALA A 158 4.33 3.40 5.04
CA ALA A 158 4.28 2.46 3.92
C ALA A 158 3.08 1.51 4.02
N GLY A 159 2.41 1.53 5.18
CA GLY A 159 1.26 0.66 5.41
C GLY A 159 1.69 -0.67 5.99
N HIS A 160 3.00 -0.79 6.25
CA HIS A 160 3.62 -1.98 6.82
C HIS A 160 3.45 -2.02 8.34
N ALA A 161 3.32 -3.23 8.89
CA ALA A 161 3.11 -3.46 10.32
C ALA A 161 4.27 -3.18 11.26
N VAL A 162 4.06 -2.27 12.22
CA VAL A 162 5.08 -1.89 13.21
C VAL A 162 4.79 -2.68 14.50
N GLY A 163 3.51 -2.84 14.81
CA GLY A 163 3.11 -3.58 16.00
C GLY A 163 1.63 -3.75 16.16
N LEU A 164 1.23 -4.46 17.22
CA LEU A 164 -0.17 -4.72 17.52
C LEU A 164 -0.64 -3.97 18.76
N PHE A 165 -1.75 -3.23 18.62
CA PHE A 165 -2.36 -2.45 19.71
C PHE A 165 -2.78 -3.40 20.84
N ARG A 166 -2.20 -3.17 22.02
CA ARG A 166 -2.42 -3.97 23.22
C ARG A 166 -3.40 -3.35 24.22
N ALA A 167 -3.05 -2.19 24.77
CA ALA A 167 -3.89 -1.47 25.75
C ALA A 167 -3.68 0.03 25.61
N ALA A 168 -4.70 0.81 26.00
CA ALA A 168 -4.64 2.26 25.94
C ALA A 168 -4.31 2.88 27.31
N VAL A 169 -3.53 3.97 27.29
CA VAL A 169 -3.15 4.70 28.51
C VAL A 169 -4.27 5.72 28.79
N CYS A 170 -5.04 5.44 29.84
CA CYS A 170 -6.17 6.29 30.23
C CYS A 170 -6.00 7.07 31.54
N THR A 171 -6.34 8.37 31.45
CA THR A 171 -6.31 9.30 32.57
C THR A 171 -7.61 10.09 32.43
N ARG A 172 -8.51 9.92 33.40
CA ARG A 172 -9.84 10.61 33.46
C ARG A 172 -10.89 10.13 32.43
N GLY A 173 -10.55 9.11 31.64
CA GLY A 173 -11.47 8.62 30.64
C GLY A 173 -11.01 9.01 29.23
N VAL A 174 -9.98 9.85 29.14
CA VAL A 174 -9.42 10.26 27.84
C VAL A 174 -8.09 9.54 27.65
N THR A 175 -7.86 9.02 26.44
CA THR A 175 -6.60 8.32 26.15
C THR A 175 -5.67 9.28 25.43
N LYS A 176 -4.47 9.43 25.99
CA LYS A 176 -3.45 10.32 25.44
C LYS A 176 -2.36 9.51 24.74
N ALA A 177 -2.20 8.26 25.17
CA ALA A 177 -1.18 7.37 24.62
C ALA A 177 -1.67 5.93 24.45
N VAL A 178 -0.87 5.11 23.76
CA VAL A 178 -1.16 3.70 23.51
C VAL A 178 0.04 2.81 23.81
N ASP A 179 -0.22 1.53 24.06
CA ASP A 179 0.79 0.54 24.38
C ASP A 179 0.65 -0.59 23.35
N PHE A 180 1.78 -1.03 22.76
CA PHE A 180 1.77 -2.08 21.75
C PHE A 180 2.82 -3.20 21.82
N ILE A 181 2.60 -4.25 21.02
CA ILE A 181 3.53 -5.38 20.93
C ILE A 181 4.25 -5.18 19.58
N PRO A 182 5.57 -4.87 19.60
CA PRO A 182 6.30 -4.65 18.33
C PRO A 182 6.49 -5.94 17.49
N VAL A 183 6.61 -5.79 16.17
CA VAL A 183 6.79 -6.92 15.24
C VAL A 183 7.99 -7.84 15.46
N GLU A 184 9.04 -7.31 16.09
CA GLU A 184 10.24 -8.09 16.40
C GLU A 184 9.98 -9.13 17.50
N ASN A 185 8.86 -8.98 18.23
CA ASN A 185 8.44 -9.94 19.28
C ASN A 185 7.73 -11.10 18.56
N LEU A 186 7.01 -10.77 17.48
CA LEU A 186 6.28 -11.76 16.66
C LEU A 186 7.29 -12.62 15.87
N GLU A 187 8.33 -11.95 15.33
CA GLU A 187 9.39 -12.58 14.54
C GLU A 187 10.31 -13.52 15.31
N THR A 188 10.45 -13.31 16.62
CA THR A 188 11.28 -14.18 17.43
C THR A 188 10.47 -15.40 17.90
N THR A 189 9.19 -15.17 18.22
CA THR A 189 8.24 -16.21 18.67
C THR A 189 8.05 -17.28 17.57
N MET A 190 8.41 -16.93 16.33
CA MET A 190 8.33 -17.83 15.17
C MET A 190 9.60 -18.69 15.02
N ARG A 191 10.78 -18.07 15.29
CA ARG A 191 12.10 -18.72 15.21
C ARG A 191 12.27 -19.81 16.29
N SER A 192 11.33 -19.81 17.25
CA SER A 192 11.31 -20.77 18.34
C SER A 192 10.82 -22.12 17.81
N GLN B 9 -1.78 9.65 -1.55
CA GLN B 9 -2.79 10.73 -1.32
C GLN B 9 -2.59 11.51 0.00
N MET B 10 -3.46 12.50 0.24
CA MET B 10 -3.44 13.35 1.46
C MET B 10 -3.45 12.62 2.81
N GLY B 11 -2.29 12.67 3.49
CA GLY B 11 -2.07 12.05 4.79
C GLY B 11 -2.26 10.54 4.89
N ALA B 12 -2.39 10.08 6.16
CA ALA B 12 -2.61 8.68 6.54
C ALA B 12 -1.51 7.76 5.96
N PRO B 13 -1.59 6.42 6.16
CA PRO B 13 -0.51 5.62 5.55
C PRO B 13 -0.79 5.33 4.06
N ILE B 14 0.28 5.14 3.29
CA ILE B 14 0.14 4.84 1.87
C ILE B 14 -0.22 3.36 1.71
N THR B 15 -1.43 3.11 1.23
CA THR B 15 -1.94 1.76 0.98
C THR B 15 -2.49 1.81 -0.43
N ALA B 16 -2.38 0.69 -1.15
CA ALA B 16 -2.85 0.61 -2.53
C ALA B 16 -3.43 -0.72 -2.96
N TYR B 17 -4.31 -0.67 -3.95
CA TYR B 17 -4.89 -1.88 -4.55
C TYR B 17 -4.80 -1.80 -6.06
N ALA B 18 -4.87 -2.96 -6.71
CA ALA B 18 -4.80 -3.09 -8.15
C ALA B 18 -6.02 -3.80 -8.72
N GLN B 19 -6.52 -3.27 -9.83
CA GLN B 19 -7.67 -3.82 -10.55
C GLN B 19 -7.30 -3.94 -12.02
N GLN B 20 -7.51 -5.12 -12.60
CA GLN B 20 -7.24 -5.36 -14.02
C GLN B 20 -8.55 -5.10 -14.78
N THR B 21 -8.46 -4.31 -15.84
CA THR B 21 -9.62 -3.95 -16.65
C THR B 21 -9.71 -4.64 -18.02
N ARG B 22 -8.60 -5.17 -18.53
CA ARG B 22 -8.53 -5.84 -19.83
C ARG B 22 -7.60 -7.05 -19.88
N GLY B 23 -7.94 -7.97 -20.80
CA GLY B 23 -7.15 -9.17 -21.03
C GLY B 23 -6.22 -8.93 -22.22
N LEU B 24 -5.34 -9.89 -22.52
CA LEU B 24 -4.37 -9.78 -23.63
C LEU B 24 -5.02 -9.47 -24.98
N LEU B 25 -6.06 -10.22 -25.34
CA LEU B 25 -6.78 -10.04 -26.60
C LEU B 25 -7.55 -8.72 -26.69
N GLY B 26 -8.13 -8.31 -25.56
CA GLY B 26 -8.88 -7.06 -25.48
C GLY B 26 -7.98 -5.87 -25.68
N CYS B 27 -6.75 -5.98 -25.15
CA CYS B 27 -5.69 -4.97 -25.23
C CYS B 27 -5.18 -4.76 -26.65
N ILE B 28 -4.99 -5.87 -27.38
CA ILE B 28 -4.50 -5.86 -28.75
C ILE B 28 -5.45 -5.17 -29.72
N ILE B 29 -6.74 -5.45 -29.60
CA ILE B 29 -7.76 -4.87 -30.48
C ILE B 29 -7.87 -3.36 -30.29
N THR B 30 -7.83 -2.90 -29.04
CA THR B 30 -7.92 -1.48 -28.71
C THR B 30 -6.60 -0.71 -28.93
N SER B 31 -5.52 -1.45 -29.20
CA SER B 31 -4.21 -0.85 -29.47
C SER B 31 -4.17 -0.45 -30.93
N LEU B 32 -4.77 -1.29 -31.78
CA LEU B 32 -4.84 -1.04 -33.21
C LEU B 32 -5.96 -0.08 -33.60
N THR B 33 -7.10 -0.12 -32.90
CA THR B 33 -8.19 0.80 -33.18
C THR B 33 -7.93 2.16 -32.52
N GLY B 34 -7.22 2.11 -31.39
CA GLY B 34 -6.89 3.30 -30.63
C GLY B 34 -8.08 3.91 -29.93
N ARG B 35 -9.18 3.14 -29.88
CA ARG B 35 -10.43 3.57 -29.24
C ARG B 35 -10.71 2.81 -27.95
N ASP B 36 -10.69 3.53 -26.84
CA ASP B 36 -10.93 2.97 -25.51
C ASP B 36 -12.09 3.63 -24.80
N LYS B 37 -13.21 2.91 -24.77
CA LYS B 37 -14.45 3.35 -24.14
C LYS B 37 -14.53 3.08 -22.63
N ASN B 38 -13.58 2.31 -22.09
CA ASN B 38 -13.53 1.96 -20.67
C ASN B 38 -13.37 3.16 -19.74
N GLN B 39 -13.99 3.07 -18.57
CA GLN B 39 -13.95 4.14 -17.56
C GLN B 39 -12.62 4.11 -16.84
N VAL B 40 -12.07 5.30 -16.60
CA VAL B 40 -10.79 5.42 -15.93
C VAL B 40 -10.90 6.05 -14.54
N GLU B 41 -10.14 5.47 -13.61
CA GLU B 41 -10.06 5.88 -12.21
C GLU B 41 -8.61 5.78 -11.76
N GLY B 42 -8.35 6.31 -10.57
CA GLY B 42 -7.04 6.24 -9.96
C GLY B 42 -5.97 7.23 -10.35
N GLU B 43 -4.84 7.13 -9.66
CA GLU B 43 -3.68 7.99 -9.88
C GLU B 43 -2.68 7.31 -10.79
N VAL B 44 -2.51 6.01 -10.56
CA VAL B 44 -1.56 5.22 -11.35
C VAL B 44 -2.29 4.26 -12.28
N GLN B 45 -1.88 4.27 -13.54
CA GLN B 45 -2.47 3.43 -14.58
C GLN B 45 -1.50 2.35 -15.04
N ILE B 46 -2.01 1.11 -15.18
CA ILE B 46 -1.23 -0.03 -15.66
C ILE B 46 -1.38 0.01 -17.19
N VAL B 47 -0.27 0.31 -17.88
CA VAL B 47 -0.27 0.42 -19.33
C VAL B 47 0.41 -0.73 -20.07
N SER B 48 0.06 -0.88 -21.36
CA SER B 48 0.58 -1.93 -22.22
C SER B 48 0.55 -1.56 -23.71
N THR B 49 1.44 -2.20 -24.47
CA THR B 49 1.54 -2.03 -25.92
C THR B 49 1.38 -3.41 -26.56
N ALA B 50 0.89 -4.36 -25.76
CA ALA B 50 0.65 -5.78 -26.07
C ALA B 50 1.91 -6.60 -25.79
N THR B 51 3.03 -6.15 -26.36
CA THR B 51 4.33 -6.77 -26.21
C THR B 51 4.96 -6.49 -24.82
N GLN B 52 4.87 -5.25 -24.36
CA GLN B 52 5.44 -4.83 -23.08
C GLN B 52 4.41 -4.19 -22.15
N THR B 53 4.48 -4.52 -20.87
CA THR B 53 3.57 -3.96 -19.88
C THR B 53 4.31 -3.23 -18.74
N PHE B 54 3.87 -2.00 -18.47
CA PHE B 54 4.45 -1.12 -17.44
C PHE B 54 3.44 -0.19 -16.73
N LEU B 55 3.94 0.90 -16.13
CA LEU B 55 3.11 1.85 -15.38
C LEU B 55 3.11 3.30 -15.87
N ALA B 56 2.07 4.07 -15.50
CA ALA B 56 1.92 5.49 -15.86
C ALA B 56 1.33 6.26 -14.71
N THR B 57 1.91 7.40 -14.36
CA THR B 57 1.42 8.19 -13.22
C THR B 57 0.89 9.56 -13.59
N CYS B 58 -0.21 9.96 -12.93
CA CYS B 58 -0.82 11.26 -13.14
C CYS B 58 -0.37 12.26 -12.09
N ILE B 59 0.36 13.27 -12.57
CA ILE B 59 0.89 14.35 -11.75
C ILE B 59 0.60 15.64 -12.54
N ASN B 60 -0.10 16.57 -11.90
CA ASN B 60 -0.48 17.89 -12.45
C ASN B 60 -1.38 17.90 -13.69
N GLY B 61 -2.37 17.01 -13.72
CA GLY B 61 -3.28 16.94 -14.84
C GLY B 61 -2.73 16.29 -16.09
N VAL B 62 -1.54 15.69 -16.00
CA VAL B 62 -0.92 15.01 -17.14
C VAL B 62 -0.42 13.61 -16.74
N CYS B 63 -0.67 12.63 -17.62
CA CYS B 63 -0.29 11.23 -17.43
C CYS B 63 1.11 10.97 -17.99
N TRP B 64 2.05 10.78 -17.06
CA TRP B 64 3.47 10.56 -17.37
C TRP B 64 3.95 9.11 -17.28
N THR B 65 4.97 8.80 -18.08
CA THR B 65 5.63 7.49 -18.12
C THR B 65 6.99 7.58 -18.81
N VAL B 66 7.71 6.46 -18.85
CA VAL B 66 9.03 6.39 -19.46
C VAL B 66 9.00 6.25 -20.98
N TYR B 67 9.97 6.89 -21.63
CA TYR B 67 10.12 6.90 -23.08
C TYR B 67 10.61 5.52 -23.58
N HIS B 68 11.39 4.81 -22.77
CA HIS B 68 11.90 3.50 -23.18
C HIS B 68 10.82 2.42 -23.30
N GLY B 69 9.62 2.77 -22.79
CA GLY B 69 8.48 1.88 -22.85
C GLY B 69 7.47 2.30 -23.89
N ALA B 70 7.03 3.55 -23.85
CA ALA B 70 6.03 4.09 -24.78
C ALA B 70 6.54 4.67 -26.09
N GLY B 71 7.77 5.20 -26.09
CA GLY B 71 8.32 5.80 -27.30
C GLY B 71 7.56 7.07 -27.64
N THR B 72 7.19 7.21 -28.90
CA THR B 72 6.45 8.38 -29.38
C THR B 72 5.00 8.02 -29.69
N ARG B 73 4.53 6.94 -29.08
CA ARG B 73 3.16 6.43 -29.26
C ARG B 73 2.02 7.26 -28.68
N THR B 74 0.82 6.95 -29.14
CA THR B 74 -0.40 7.61 -28.69
C THR B 74 -1.09 6.79 -27.62
N ILE B 75 -1.96 7.42 -26.84
CA ILE B 75 -2.71 6.72 -25.81
C ILE B 75 -4.17 6.58 -26.30
N ALA B 76 -4.78 5.43 -26.04
CA ALA B 76 -6.15 5.18 -26.45
C ALA B 76 -7.12 5.85 -25.49
N SER B 77 -8.09 6.57 -26.04
CA SER B 77 -9.08 7.32 -25.25
C SER B 77 -10.49 7.17 -25.86
N PRO B 78 -11.56 7.64 -25.15
CA PRO B 78 -12.91 7.52 -25.73
C PRO B 78 -13.20 8.23 -27.05
N LYS B 79 -12.30 9.13 -27.45
CA LYS B 79 -12.43 9.91 -28.70
C LYS B 79 -11.39 9.52 -29.75
N GLY B 80 -10.71 8.39 -29.54
CA GLY B 80 -9.69 7.91 -30.45
C GLY B 80 -8.27 8.10 -29.91
N PRO B 81 -7.20 7.89 -30.72
CA PRO B 81 -5.80 8.06 -30.27
C PRO B 81 -5.45 9.51 -29.92
N VAL B 82 -4.82 9.70 -28.76
CA VAL B 82 -4.41 11.03 -28.30
C VAL B 82 -2.89 11.17 -28.35
N ILE B 83 -2.44 12.18 -29.08
CA ILE B 83 -1.03 12.52 -29.27
C ILE B 83 -0.40 13.06 -28.00
N GLN B 84 0.90 12.86 -27.86
CA GLN B 84 1.64 13.31 -26.68
C GLN B 84 1.76 14.80 -26.54
N MET B 85 1.67 15.26 -25.29
CA MET B 85 1.79 16.67 -24.92
C MET B 85 3.26 17.06 -24.82
N TYR B 86 4.05 16.21 -24.15
CA TYR B 86 5.48 16.43 -23.95
C TYR B 86 6.26 15.18 -24.31
N THR B 87 7.44 15.38 -24.90
CA THR B 87 8.32 14.29 -25.30
C THR B 87 9.75 14.78 -25.03
N ASN B 88 10.39 14.18 -24.03
CA ASN B 88 11.76 14.53 -23.63
C ASN B 88 12.63 13.25 -23.65
N VAL B 89 13.09 12.89 -24.86
CA VAL B 89 13.93 11.71 -25.12
C VAL B 89 15.18 11.57 -24.22
N ASP B 90 15.79 12.71 -23.85
CA ASP B 90 16.98 12.72 -23.00
C ASP B 90 16.75 12.46 -21.53
N GLN B 91 15.63 12.95 -21.00
CA GLN B 91 15.30 12.74 -19.60
C GLN B 91 14.45 11.49 -19.40
N ASP B 92 14.23 10.77 -20.51
CA ASP B 92 13.46 9.51 -20.58
C ASP B 92 11.98 9.72 -20.18
N LEU B 93 11.42 10.86 -20.61
CA LEU B 93 10.05 11.25 -20.29
C LEU B 93 9.07 11.40 -21.43
N VAL B 94 7.81 11.12 -21.13
CA VAL B 94 6.70 11.20 -22.07
C VAL B 94 5.44 11.64 -21.30
N GLY B 95 4.56 12.40 -21.96
CA GLY B 95 3.33 12.86 -21.31
C GLY B 95 2.15 13.05 -22.23
N TRP B 96 0.96 12.68 -21.75
CA TRP B 96 -0.32 12.78 -22.48
C TRP B 96 -1.31 13.47 -21.52
N PRO B 97 -2.40 14.12 -22.04
CA PRO B 97 -3.32 14.75 -21.09
C PRO B 97 -3.99 13.66 -20.26
N ALA B 98 -3.98 13.81 -18.93
CA ALA B 98 -4.57 12.83 -18.00
C ALA B 98 -5.98 12.46 -18.41
N PRO B 99 -6.29 11.15 -18.52
CA PRO B 99 -7.63 10.68 -18.92
C PRO B 99 -8.76 11.14 -18.01
N GLN B 100 -9.92 11.39 -18.61
CA GLN B 100 -11.10 11.85 -17.87
C GLN B 100 -11.54 10.82 -16.84
N GLY B 101 -11.44 11.22 -15.58
CA GLY B 101 -11.82 10.38 -14.47
C GLY B 101 -10.66 10.06 -13.54
N SER B 102 -9.44 10.35 -14.00
CA SER B 102 -8.22 10.11 -13.22
C SER B 102 -7.96 11.25 -12.23
N ARG B 103 -7.32 10.91 -11.11
CA ARG B 103 -6.95 11.87 -10.08
C ARG B 103 -5.44 12.09 -10.18
N SER B 104 -4.99 13.33 -9.97
CA SER B 104 -3.55 13.67 -10.04
C SER B 104 -2.92 13.87 -8.66
N LEU B 105 -1.62 13.57 -8.59
CA LEU B 105 -0.83 13.73 -7.37
C LEU B 105 -0.10 15.07 -7.40
N THR B 106 0.07 15.68 -6.23
CA THR B 106 0.75 16.97 -6.10
C THR B 106 2.24 16.71 -5.82
N PRO B 107 3.15 17.49 -6.47
CA PRO B 107 4.60 17.30 -6.25
C PRO B 107 5.03 17.58 -4.82
N CYS B 108 6.03 16.83 -4.34
CA CYS B 108 6.56 16.95 -2.97
C CYS B 108 7.26 18.30 -2.76
N THR B 109 6.99 18.91 -1.60
CA THR B 109 7.59 20.20 -1.20
C THR B 109 8.29 20.13 0.16
N CYS B 110 8.19 18.97 0.83
CA CYS B 110 8.81 18.76 2.14
C CYS B 110 10.30 18.40 2.10
N GLY B 111 10.81 18.01 0.94
CA GLY B 111 12.22 17.65 0.78
C GLY B 111 12.74 16.40 1.47
N SER B 112 11.83 15.54 1.94
CA SER B 112 12.14 14.28 2.64
C SER B 112 12.99 13.28 1.84
N SER B 113 13.73 12.45 2.56
CA SER B 113 14.60 11.45 1.93
C SER B 113 14.13 10.00 2.19
N ASP B 114 12.96 9.87 2.83
CA ASP B 114 12.35 8.57 3.10
C ASP B 114 11.27 8.38 2.03
N LEU B 115 11.65 7.73 0.94
CA LEU B 115 10.74 7.51 -0.18
C LEU B 115 10.07 6.13 -0.14
N TYR B 116 8.92 6.01 -0.79
CA TYR B 116 8.14 4.78 -0.85
C TYR B 116 7.68 4.53 -2.28
N LEU B 117 8.18 3.44 -2.87
CA LEU B 117 7.86 3.03 -4.24
C LEU B 117 6.62 2.13 -4.34
N VAL B 118 5.74 2.45 -5.29
CA VAL B 118 4.52 1.68 -5.54
C VAL B 118 4.75 0.86 -6.82
N THR B 119 4.59 -0.46 -6.68
CA THR B 119 4.78 -1.42 -7.77
C THR B 119 3.48 -1.70 -8.53
N ARG B 120 3.57 -2.58 -9.54
CA ARG B 120 2.42 -2.96 -10.36
C ARG B 120 1.49 -3.92 -9.60
N HIS B 121 2.05 -4.56 -8.56
CA HIS B 121 1.35 -5.51 -7.70
C HIS B 121 0.65 -4.78 -6.55
N ALA B 122 0.81 -3.45 -6.53
CA ALA B 122 0.25 -2.54 -5.53
C ALA B 122 0.84 -2.70 -4.11
N ASP B 123 2.15 -2.98 -4.11
CA ASP B 123 2.92 -3.13 -2.87
C ASP B 123 3.68 -1.82 -2.70
N VAL B 124 3.99 -1.46 -1.45
CA VAL B 124 4.71 -0.22 -1.15
C VAL B 124 6.08 -0.56 -0.53
N ILE B 125 7.15 -0.39 -1.32
CA ILE B 125 8.54 -0.69 -0.90
C ILE B 125 9.28 0.53 -0.31
N PRO B 126 9.87 0.39 0.91
CA PRO B 126 10.62 1.50 1.53
C PRO B 126 11.98 1.77 0.83
N VAL B 127 12.18 3.02 0.42
CA VAL B 127 13.41 3.47 -0.26
C VAL B 127 14.05 4.70 0.44
N ARG B 128 15.38 4.72 0.53
CA ARG B 128 16.11 5.84 1.12
C ARG B 128 16.85 6.55 -0.02
N ARG B 129 16.67 7.86 -0.11
CA ARG B 129 17.30 8.70 -1.14
C ARG B 129 18.82 8.82 -0.94
N ARG B 130 19.57 8.48 -1.98
CA ARG B 130 21.04 8.51 -2.00
C ARG B 130 21.57 9.38 -3.14
N GLY B 131 20.85 10.47 -3.43
CA GLY B 131 21.24 11.39 -4.50
C GLY B 131 20.05 12.11 -5.12
N ASP B 132 20.26 12.75 -6.28
CA ASP B 132 19.20 13.49 -6.96
C ASP B 132 18.21 12.56 -7.67
N SER B 133 18.75 11.54 -8.35
CA SER B 133 17.98 10.55 -9.08
C SER B 133 18.28 9.10 -8.64
N ARG B 134 18.79 8.94 -7.42
CA ARG B 134 19.14 7.63 -6.85
C ARG B 134 18.63 7.37 -5.44
N GLY B 135 18.26 6.11 -5.21
CA GLY B 135 17.76 5.67 -3.92
C GLY B 135 18.07 4.20 -3.69
N SER B 136 18.16 3.79 -2.42
CA SER B 136 18.43 2.39 -2.08
C SER B 136 17.31 1.69 -1.31
N LEU B 137 17.10 0.42 -1.63
CA LEU B 137 16.07 -0.40 -0.99
C LEU B 137 16.53 -0.83 0.38
N LEU B 138 15.62 -0.75 1.35
CA LEU B 138 15.91 -1.13 2.72
C LEU B 138 15.92 -2.64 2.90
N SER B 139 15.30 -3.31 1.94
CA SER B 139 15.21 -4.76 1.89
C SER B 139 15.44 -5.12 0.42
N PRO B 140 16.63 -5.66 0.07
CA PRO B 140 16.94 -6.04 -1.32
C PRO B 140 15.98 -7.10 -1.86
N ARG B 141 15.45 -6.86 -3.06
CA ARG B 141 14.49 -7.77 -3.68
C ARG B 141 14.93 -8.35 -5.04
N PRO B 142 14.33 -9.49 -5.48
CA PRO B 142 14.73 -10.05 -6.78
C PRO B 142 14.24 -9.16 -7.92
N ILE B 143 15.03 -9.12 -9.00
CA ILE B 143 14.77 -8.32 -10.19
C ILE B 143 13.40 -8.53 -10.88
N SER B 144 12.86 -9.74 -10.78
CA SER B 144 11.57 -10.12 -11.37
C SER B 144 10.39 -9.29 -10.81
N TYR B 145 10.50 -8.97 -9.51
CA TYR B 145 9.52 -8.20 -8.76
C TYR B 145 9.33 -6.77 -9.29
N LEU B 146 10.45 -6.13 -9.62
CA LEU B 146 10.49 -4.77 -10.14
C LEU B 146 10.12 -4.61 -11.60
N LYS B 147 10.10 -5.72 -12.34
CA LYS B 147 9.71 -5.74 -13.76
C LYS B 147 8.23 -5.39 -13.87
N GLY B 148 7.93 -4.52 -14.85
CA GLY B 148 6.59 -4.07 -15.07
C GLY B 148 6.18 -2.88 -14.23
N SER B 149 7.10 -2.35 -13.42
CA SER B 149 6.81 -1.21 -12.55
C SER B 149 7.38 0.15 -12.97
N SER B 150 7.98 0.19 -14.16
CA SER B 150 8.57 1.42 -14.70
C SER B 150 7.51 2.43 -15.07
N GLY B 151 7.65 3.63 -14.51
CA GLY B 151 6.71 4.72 -14.74
C GLY B 151 5.88 4.91 -13.47
N GLY B 152 6.12 4.05 -12.48
CA GLY B 152 5.43 4.08 -11.19
C GLY B 152 5.93 5.20 -10.30
N PRO B 153 5.14 5.65 -9.31
CA PRO B 153 5.57 6.75 -8.43
C PRO B 153 6.38 6.42 -7.17
N LEU B 154 7.21 7.39 -6.77
CA LEU B 154 7.98 7.30 -5.53
C LEU B 154 7.35 8.40 -4.67
N LEU B 155 6.77 7.99 -3.55
CA LEU B 155 6.09 8.92 -2.65
C LEU B 155 6.85 9.21 -1.35
N CYS B 156 6.61 10.40 -0.80
CA CYS B 156 7.21 10.87 0.46
C CYS B 156 6.23 10.46 1.57
N PRO B 157 6.59 10.60 2.89
CA PRO B 157 5.64 10.22 3.96
C PRO B 157 4.21 10.81 3.93
N ALA B 158 4.03 11.90 3.18
CA ALA B 158 2.72 12.55 3.04
C ALA B 158 1.89 11.94 1.90
N GLY B 159 2.56 11.19 1.02
CA GLY B 159 1.90 10.57 -0.12
C GLY B 159 2.00 11.42 -1.38
N HIS B 160 2.93 12.38 -1.36
CA HIS B 160 3.15 13.28 -2.49
C HIS B 160 4.29 12.75 -3.36
N ALA B 161 4.20 13.05 -4.66
CA ALA B 161 5.15 12.60 -5.65
C ALA B 161 6.57 13.19 -5.62
N VAL B 162 7.56 12.30 -5.48
CA VAL B 162 8.96 12.70 -5.46
C VAL B 162 9.55 12.40 -6.83
N GLY B 163 9.12 11.30 -7.41
CA GLY B 163 9.63 10.90 -8.72
C GLY B 163 9.03 9.63 -9.30
N LEU B 164 9.39 9.34 -10.54
CA LEU B 164 8.89 8.17 -11.26
C LEU B 164 10.01 7.15 -11.47
N PHE B 165 9.71 5.88 -11.20
CA PHE B 165 10.65 4.74 -11.34
C PHE B 165 11.10 4.48 -12.79
N ARG B 166 12.42 4.53 -12.98
CA ARG B 166 13.03 4.33 -14.30
C ARG B 166 13.82 3.03 -14.47
N ALA B 167 14.84 2.84 -13.62
CA ALA B 167 15.70 1.66 -13.69
C ALA B 167 16.11 1.10 -12.34
N ALA B 168 16.52 -0.16 -12.34
CA ALA B 168 16.97 -0.84 -11.12
C ALA B 168 18.44 -1.23 -11.28
N VAL B 169 19.20 -1.12 -10.19
CA VAL B 169 20.62 -1.50 -10.17
C VAL B 169 20.62 -2.98 -9.77
N CYS B 170 20.92 -3.84 -10.74
CA CYS B 170 20.89 -5.27 -10.52
C CYS B 170 22.24 -5.99 -10.57
N THR B 171 22.60 -6.56 -9.43
CA THR B 171 23.83 -7.33 -9.30
C THR B 171 23.34 -8.75 -8.96
N ARG B 172 23.69 -9.72 -9.81
CA ARG B 172 23.35 -11.16 -9.68
C ARG B 172 21.89 -11.60 -9.74
N GLY B 173 20.98 -10.67 -10.00
CA GLY B 173 19.57 -11.01 -10.05
C GLY B 173 18.80 -10.37 -8.92
N VAL B 174 19.52 -9.68 -8.02
CA VAL B 174 18.91 -8.96 -6.91
C VAL B 174 19.16 -7.48 -7.08
N THR B 175 18.15 -6.66 -6.75
CA THR B 175 18.28 -5.20 -6.84
C THR B 175 18.41 -4.58 -5.47
N LYS B 176 19.48 -3.82 -5.28
CA LYS B 176 19.75 -3.13 -4.02
C LYS B 176 19.36 -1.66 -4.11
N ALA B 177 19.53 -1.08 -5.29
CA ALA B 177 19.23 0.32 -5.53
C ALA B 177 18.33 0.56 -6.76
N VAL B 178 17.65 1.70 -6.74
CA VAL B 178 16.74 2.13 -7.80
C VAL B 178 17.13 3.49 -8.40
N ASP B 179 16.80 3.69 -9.66
CA ASP B 179 17.09 4.94 -10.39
C ASP B 179 15.75 5.56 -10.80
N PHE B 180 15.58 6.86 -10.54
CA PHE B 180 14.34 7.55 -10.89
C PHE B 180 14.46 8.87 -11.64
N ILE B 181 13.30 9.40 -12.05
CA ILE B 181 13.17 10.67 -12.76
C ILE B 181 12.48 11.54 -11.70
N PRO B 182 13.17 12.59 -11.18
CA PRO B 182 12.56 13.46 -10.15
C PRO B 182 11.51 14.44 -10.69
N VAL B 183 10.53 14.82 -9.84
CA VAL B 183 9.44 15.74 -10.23
C VAL B 183 9.83 17.08 -10.86
N GLU B 184 11.01 17.58 -10.51
CA GLU B 184 11.54 18.85 -11.05
C GLU B 184 11.91 18.71 -12.53
N ASN B 185 12.21 17.48 -12.95
CA ASN B 185 12.54 17.17 -14.34
C ASN B 185 11.26 17.22 -15.18
N LEU B 186 10.10 17.00 -14.53
CA LEU B 186 8.79 17.07 -15.20
C LEU B 186 8.42 18.53 -15.47
N GLU B 187 8.57 19.39 -14.45
CA GLU B 187 8.24 20.82 -14.55
C GLU B 187 9.13 21.58 -15.54
N THR B 188 10.36 21.11 -15.76
CA THR B 188 11.24 21.76 -16.74
C THR B 188 10.95 21.21 -18.16
N THR B 189 10.24 20.09 -18.23
CA THR B 189 9.84 19.50 -19.52
C THR B 189 8.56 20.26 -19.94
N MET B 190 7.82 20.75 -18.93
CA MET B 190 6.60 21.54 -19.16
C MET B 190 6.94 22.95 -19.64
N ARG B 191 8.03 23.51 -19.07
CA ARG B 191 8.53 24.84 -19.41
C ARG B 191 9.43 24.94 -20.64
N SER B 192 9.95 23.80 -21.13
CA SER B 192 10.83 23.78 -22.31
C SER B 192 10.16 24.02 -23.68
N GLY B 193 9.64 22.96 -24.32
CA GLY B 193 8.99 23.10 -25.63
C GLY B 193 8.69 21.80 -26.37
N SER B 194 9.70 21.21 -27.02
CA SER B 194 9.51 19.94 -27.78
C SER B 194 10.15 18.73 -27.09
N LYS C 1 4.15 1.17 -33.34
CA LYS C 1 3.16 1.72 -34.30
C LYS C 1 1.79 1.85 -33.65
N GLY C 2 1.36 0.79 -32.96
CA GLY C 2 0.06 0.76 -32.27
C GLY C 2 0.04 1.60 -31.02
N SER C 3 -1.16 1.95 -30.55
CA SER C 3 -1.36 2.77 -29.34
C SER C 3 -1.08 2.09 -28.01
N VAL C 4 -0.90 2.93 -27.00
CA VAL C 4 -0.67 2.50 -25.62
C VAL C 4 -2.08 2.40 -25.04
N VAL C 5 -2.37 1.28 -24.40
CA VAL C 5 -3.68 1.02 -23.80
C VAL C 5 -3.63 0.83 -22.30
N ILE C 6 -4.72 1.20 -21.63
CA ILE C 6 -4.84 1.07 -20.19
C ILE C 6 -5.49 -0.29 -19.88
N VAL C 7 -4.70 -1.18 -19.27
CA VAL C 7 -5.15 -2.53 -18.91
C VAL C 7 -5.45 -2.72 -17.41
N GLY C 8 -5.43 -1.61 -16.68
CA GLY C 8 -5.72 -1.63 -15.26
C GLY C 8 -5.37 -0.34 -14.56
N ARG C 9 -5.70 -0.28 -13.27
CA ARG C 9 -5.40 0.88 -12.43
C ARG C 9 -5.05 0.53 -11.01
N ILE C 10 -4.34 1.46 -10.37
CA ILE C 10 -3.92 1.35 -8.98
C ILE C 10 -4.37 2.63 -8.30
N VAL C 11 -5.20 2.50 -7.26
CA VAL C 11 -5.64 3.67 -6.51
C VAL C 11 -4.96 3.74 -5.14
N LEU C 12 -4.35 4.89 -4.86
CA LEU C 12 -3.64 5.17 -3.61
C LEU C 12 -4.57 5.68 -2.51
N SER C 13 -5.63 6.36 -2.94
CA SER C 13 -6.63 6.98 -2.08
C SER C 13 -7.57 6.12 -1.24
N GLY C 14 -7.46 4.79 -1.40
CA GLY C 14 -8.31 3.89 -0.64
C GLY C 14 -7.98 3.97 0.83
N LYS C 15 -8.96 4.35 1.64
CA LYS C 15 -8.84 4.45 3.09
C LYS C 15 -9.36 3.15 3.71
N PRO C 16 -8.81 2.69 4.86
CA PRO C 16 -9.29 1.44 5.48
C PRO C 16 -10.81 1.37 5.69
N ALA C 17 -11.41 0.26 5.27
CA ALA C 17 -12.85 0.05 5.36
C ALA C 17 -13.22 -1.38 5.74
N ILE C 18 -14.44 -1.54 6.28
CA ILE C 18 -14.97 -2.85 6.66
C ILE C 18 -15.57 -3.41 5.38
N ILE C 19 -15.20 -4.66 5.04
CA ILE C 19 -15.68 -5.34 3.84
C ILE C 19 -17.19 -5.60 3.94
N PRO C 20 -17.98 -5.08 2.97
CA PRO C 20 -19.44 -5.27 3.00
C PRO C 20 -19.91 -6.72 2.85
N LYS C 21 -21.23 -6.90 3.01
CA LYS C 21 -21.97 -8.18 2.93
C LYS C 21 -21.84 -8.98 4.25
N LYS C 22 -22.63 -10.05 4.37
CA LYS C 22 -22.67 -10.94 5.55
C LYS C 22 -21.29 -11.49 6.03
N GLY D 2 -15.21 -22.58 24.82
CA GLY D 2 -15.70 -21.86 23.60
C GLY D 2 -14.59 -21.52 22.62
N SER D 3 -14.98 -21.04 21.44
CA SER D 3 -14.01 -20.67 20.39
C SER D 3 -14.08 -19.18 20.06
N VAL D 4 -13.10 -18.71 19.29
CA VAL D 4 -13.02 -17.32 18.85
C VAL D 4 -13.59 -17.29 17.42
N VAL D 5 -14.70 -16.58 17.23
CA VAL D 5 -15.34 -16.47 15.91
C VAL D 5 -15.01 -15.15 15.22
N ILE D 6 -15.07 -15.15 13.89
CA ILE D 6 -14.80 -13.96 13.10
C ILE D 6 -16.16 -13.37 12.73
N VAL D 7 -16.37 -12.10 13.12
CA VAL D 7 -17.64 -11.41 12.87
C VAL D 7 -17.61 -10.34 11.78
N GLY D 8 -16.44 -10.12 11.21
CA GLY D 8 -16.28 -9.13 10.16
C GLY D 8 -14.84 -9.06 9.73
N ARG D 9 -14.57 -8.27 8.69
CA ARG D 9 -13.22 -8.09 8.15
C ARG D 9 -12.97 -6.65 7.75
N ILE D 10 -11.71 -6.21 7.82
CA ILE D 10 -11.32 -4.84 7.45
C ILE D 10 -10.20 -4.87 6.40
N VAL D 11 -10.38 -4.18 5.27
CA VAL D 11 -9.33 -4.07 4.24
C VAL D 11 -8.62 -2.74 4.39
N LEU D 12 -7.30 -2.79 4.50
CA LEU D 12 -6.50 -1.59 4.65
C LEU D 12 -6.39 -0.80 3.37
N SER D 13 -6.25 -1.51 2.25
CA SER D 13 -6.13 -0.94 0.91
C SER D 13 -7.36 -0.16 0.46
N GLY D 14 -8.50 -0.45 1.07
CA GLY D 14 -9.76 0.19 0.73
C GLY D 14 -10.41 -0.37 -0.52
N LYS D 15 -10.09 -1.63 -0.87
CA LYS D 15 -10.61 -2.33 -2.06
C LYS D 15 -12.12 -2.65 -1.99
N PRO D 16 -12.92 -2.06 -2.91
CA PRO D 16 -14.38 -2.23 -2.98
C PRO D 16 -15.04 -3.57 -3.33
N ALA D 17 -14.40 -4.38 -4.19
CA ALA D 17 -14.92 -5.67 -4.69
C ALA D 17 -15.92 -5.52 -5.82
N ILE D 18 -15.49 -5.96 -7.02
CA ILE D 18 -16.32 -5.94 -8.22
C ILE D 18 -17.22 -7.20 -8.08
ZN ZN E . 8.14 0.71 6.93
ZN ZN F . 6.29 15.82 0.56
C1 AKP G . 12.01 -1.59 -16.06
C2 AKP G . 10.73 -0.82 -16.51
O1 AKP G . 10.98 -0.02 -17.65
C3 AKP G . 12.52 -1.42 -14.59
C4 AKP G . 13.47 -2.50 -14.13
C5 AKP G . 13.11 -3.70 -13.64
N1 AKP G . 9.46 -2.28 -17.96
C6 AKP G . 8.60 -3.41 -18.34
C7 AKP G . 9.33 -4.75 -17.96
O2 AKP G . 8.74 -5.82 -18.08
C8 AKP G . 8.27 -3.33 -19.86
C9 AKP G . 9.52 -3.13 -20.70
O3 AKP G . 10.49 -4.71 -17.57
C10 AKP G . 10.38 -4.24 -20.98
C11 AKP G . 9.62 -1.89 -16.68
O5 AKP G . 9.04 -2.30 -15.71
C12 AKP G . 26.86 -3.51 -14.52
N3 AKP G . 26.07 -4.09 -13.57
C13 AKP G . 24.77 -3.67 -13.47
C14 AKP G . 24.24 -2.65 -14.32
C15 AKP G . 22.82 -2.26 -14.15
O9 AKP G . 22.09 -2.77 -13.29
N4 AKP G . 22.37 -1.27 -15.01
C16 AKP G . 20.96 -0.81 -14.95
C17 AKP G . 20.15 -1.56 -16.01
O12 AKP G . 20.19 -1.22 -17.19
C18 AKP G . 20.80 0.70 -15.25
C19 AKP G . 21.49 1.72 -14.34
N5 AKP G . 19.45 -2.61 -15.53
C20 AKP G . 18.21 -3.07 -16.20
C21 AKP G . 17.13 -1.94 -16.25
O13 AKP G . 17.04 -1.11 -15.36
C22 AKP G . 17.67 -4.33 -15.46
C23 AKP G . 16.37 -4.87 -16.12
C24 AKP G . 18.77 -5.44 -15.42
N6 AKP G . 16.34 -2.02 -17.33
C25 AKP G . 15.28 -1.07 -17.60
C26 AKP G . 13.95 -1.85 -17.49
O14 AKP G . 13.85 -3.01 -17.85
C27 AKP G . 15.49 -0.53 -19.02
N7 AKP G . 12.99 -1.10 -16.98
C28 AKP G . 20.87 1.76 -12.95
C29 AKP G . 21.38 3.13 -14.96
C30 AKP G . 19.24 -6.01 -16.77
C31 AKP G . 15.97 0.92 -19.10
C32 AKP G . 16.21 1.32 -20.58
C33 AKP G . 17.27 1.17 -18.28
C34 AKP G . 16.70 2.78 -20.72
C35 AKP G . 17.72 2.64 -18.38
C36 AKP G . 17.95 3.05 -19.86
C37 AKP G . 26.35 -2.49 -15.37
N2 AKP G . 25.04 -2.06 -15.28
C39 AKP G . 9.88 -1.85 -21.18
C38 AKP G . 11.55 -4.08 -21.71
C40 AKP G . 11.89 -2.80 -22.20
C41 AKP G . 11.06 -1.67 -21.94
O6 AKP G . 13.08 -2.59 -22.93
P1 AKP G . 13.70 -3.64 -23.95
O8 AKP G . 13.81 -5.04 -23.28
O10 AKP G . 15.12 -3.07 -24.26
O7 AKP G . 12.76 -3.66 -25.19
O15 AKP G . 10.40 0.13 -15.50
#